data_6FC0
#
_entry.id   6FC0
#
_cell.length_a   63.587
_cell.length_b   75.169
_cell.length_c   48.427
_cell.angle_alpha   90.00
_cell.angle_beta   90.00
_cell.angle_gamma   90.00
#
_symmetry.space_group_name_H-M   'P 21 21 2'
#
loop_
_entity.id
_entity.type
_entity.pdbx_description
1 polymer 'Eukaryotic translation initiation factor 4E-like protein'
2 polymer 'Eukaryotic translation initiation factor 4G'
3 water water
#
loop_
_entity_poly.entity_id
_entity_poly.type
_entity_poly.pdbx_seq_one_letter_code
_entity_poly.pdbx_strand_id
1 'polypeptide(L)'
;GPHMTVFHDKENFNVKHPLSCRWTLWFTKPASGKGDNWNDLLKKVITFESVEEFWGIYNNIAPVSELAVKSDYHLFKEGV
RPEWEDPQNKHGGKWAYQFKDKRSVNIDELWLHTMLAAIGETLEDEEDGEVMGVVVNVRKGFYRIGVWTRTTEKSKEILM
NIGRRLKEVLKLPPNEMVEFSGHTEAAQAGSTRAKARMVV
;
A
2 'polypeptide(L)'
;GPHMQPSAALQSLRSARFLPGIVQDIYPPGIKSPNPALNEAVQKKGRIFKYDVQFLLQFQNVFTEKPSPDFDQQVKALIG
D
;
B
#
# COMPACT_ATOMS: atom_id res chain seq x y z
N GLY A 1 -17.30 -18.76 -16.46
CA GLY A 1 -18.74 -18.65 -16.34
C GLY A 1 -19.20 -18.13 -14.98
N PRO A 2 -19.10 -18.97 -13.95
CA PRO A 2 -19.60 -18.57 -12.62
C PRO A 2 -18.99 -17.31 -12.10
N HIS A 3 -17.84 -16.89 -12.62
CA HIS A 3 -17.13 -15.72 -12.14
C HIS A 3 -17.23 -14.60 -13.18
N MET A 4 -17.75 -13.46 -12.76
CA MET A 4 -17.63 -12.23 -13.52
CA MET A 4 -17.66 -12.22 -13.49
C MET A 4 -16.73 -11.32 -12.69
N THR A 5 -15.54 -11.06 -13.22
CA THR A 5 -14.66 -10.09 -12.61
C THR A 5 -15.01 -8.70 -13.10
N VAL A 6 -14.37 -7.70 -12.48
CA VAL A 6 -14.53 -6.32 -12.91
C VAL A 6 -14.08 -6.15 -14.37
N PHE A 7 -13.22 -7.04 -14.86
CA PHE A 7 -12.75 -7.01 -16.24
C PHE A 7 -13.79 -7.53 -17.21
N HIS A 8 -14.74 -8.32 -16.71
CA HIS A 8 -15.85 -8.79 -17.54
C HIS A 8 -16.99 -7.78 -17.62
N ASP A 9 -17.30 -7.12 -16.52
CA ASP A 9 -18.34 -6.11 -16.49
C ASP A 9 -18.01 -5.20 -15.31
N LYS A 10 -17.61 -3.97 -15.57
CA LYS A 10 -17.13 -3.13 -14.49
C LYS A 10 -18.25 -2.57 -13.64
N GLU A 11 -19.51 -2.68 -14.06
CA GLU A 11 -20.64 -2.25 -13.26
CA GLU A 11 -20.64 -2.25 -13.25
C GLU A 11 -21.29 -3.39 -12.48
N ASN A 12 -21.33 -4.59 -13.05
CA ASN A 12 -22.02 -5.74 -12.47
C ASN A 12 -21.05 -6.91 -12.51
N PHE A 13 -20.26 -7.05 -11.45
CA PHE A 13 -19.37 -8.17 -11.26
C PHE A 13 -19.67 -8.83 -9.92
N ASN A 14 -19.24 -10.09 -9.77
CA ASN A 14 -19.61 -10.88 -8.59
C ASN A 14 -18.44 -11.56 -7.88
N VAL A 15 -17.19 -11.38 -8.33
CA VAL A 15 -16.03 -11.80 -7.57
C VAL A 15 -15.06 -10.62 -7.42
N LYS A 16 -14.26 -10.68 -6.36
CA LYS A 16 -13.24 -9.66 -6.10
C LYS A 16 -11.96 -10.33 -5.62
N HIS A 17 -10.85 -9.60 -5.69
CA HIS A 17 -9.55 -10.18 -5.43
C HIS A 17 -9.12 -9.94 -3.99
N PRO A 18 -8.97 -10.97 -3.16
CA PRO A 18 -8.57 -10.73 -1.77
C PRO A 18 -7.14 -10.28 -1.62
N LEU A 19 -6.91 -9.49 -0.60
CA LEU A 19 -5.56 -9.23 -0.10
C LEU A 19 -5.24 -10.21 1.03
N SER A 20 -3.95 -10.32 1.36
CA SER A 20 -3.52 -11.34 2.31
C SER A 20 -3.83 -10.94 3.75
N CYS A 21 -4.10 -9.68 3.97
N CYS A 21 -4.23 -9.68 3.93
CA CYS A 21 -4.65 -9.17 5.20
CA CYS A 21 -4.43 -9.03 5.21
C CYS A 21 -5.40 -7.91 4.85
C CYS A 21 -5.23 -7.78 4.90
N ARG A 22 -6.08 -7.36 5.84
CA ARG A 22 -6.70 -6.05 5.68
C ARG A 22 -5.63 -4.97 5.88
N TRP A 23 -5.79 -3.88 5.18
CA TRP A 23 -4.87 -2.77 5.21
C TRP A 23 -5.64 -1.49 5.48
N THR A 24 -4.96 -0.53 6.08
CA THR A 24 -5.56 0.74 6.46
C THR A 24 -4.70 1.86 5.92
N LEU A 25 -5.33 2.77 5.20
CA LEU A 25 -4.67 3.97 4.77
C LEU A 25 -4.85 5.05 5.82
N TRP A 26 -3.76 5.69 6.19
CA TRP A 26 -3.71 6.81 7.11
C TRP A 26 -3.13 8.03 6.42
N PHE A 27 -3.43 9.22 6.95
CA PHE A 27 -2.96 10.47 6.37
C PHE A 27 -2.58 11.38 7.54
N THR A 28 -1.39 11.95 7.47
CA THR A 28 -0.98 12.97 8.42
C THR A 28 -1.05 14.31 7.74
N LYS A 29 -1.86 15.21 8.30
CA LYS A 29 -2.08 16.54 7.76
C LYS A 29 -1.07 17.53 8.31
N PRO A 30 -0.84 18.65 7.63
CA PRO A 30 -0.02 19.72 8.21
C PRO A 30 -0.73 20.34 9.39
N ALA A 31 0.06 20.89 10.31
CA ALA A 31 -0.51 21.63 11.43
C ALA A 31 -1.48 22.69 10.92
N SER A 32 -2.56 22.88 11.67
CA SER A 32 -3.63 23.75 11.20
C SER A 32 -3.19 25.20 11.13
N GLY A 33 -3.58 25.86 10.04
CA GLY A 33 -3.37 27.29 9.93
C GLY A 33 -4.11 28.10 10.98
N LYS A 34 -5.17 27.55 11.57
CA LYS A 34 -5.89 28.25 12.63
C LYS A 34 -5.08 28.35 13.92
N GLY A 35 -3.93 27.67 14.02
CA GLY A 35 -3.07 27.75 15.18
C GLY A 35 -3.49 26.89 16.35
N ASP A 36 -4.56 26.09 16.20
CA ASP A 36 -5.14 25.34 17.30
C ASP A 36 -5.00 23.83 17.09
N ASN A 37 -4.09 23.39 16.24
CA ASN A 37 -3.91 21.94 16.09
C ASN A 37 -2.52 21.65 15.52
N TRP A 38 -1.57 21.42 16.42
CA TRP A 38 -0.26 20.92 16.06
C TRP A 38 -0.04 19.50 16.55
N ASN A 39 -0.97 18.94 17.34
CA ASN A 39 -0.74 17.68 18.05
C ASN A 39 -1.78 16.60 17.77
N ASP A 40 -2.64 16.79 16.77
CA ASP A 40 -3.67 15.81 16.43
C ASP A 40 -3.79 15.76 14.92
N LEU A 41 -2.69 15.34 14.30
CA LEU A 41 -2.53 15.42 12.86
C LEU A 41 -2.69 14.09 12.12
N LEU A 42 -2.68 12.95 12.82
CA LEU A 42 -2.72 11.63 12.19
C LEU A 42 -4.16 11.16 12.07
N LYS A 43 -4.60 10.88 10.84
CA LYS A 43 -5.97 10.52 10.54
C LYS A 43 -6.06 9.14 9.90
N LYS A 44 -6.99 8.34 10.41
CA LYS A 44 -7.31 7.07 9.79
C LYS A 44 -8.33 7.31 8.67
N VAL A 45 -7.97 6.99 7.45
CA VAL A 45 -8.86 7.23 6.32
C VAL A 45 -9.82 6.07 6.07
N ILE A 46 -9.29 4.87 5.83
CA ILE A 46 -10.15 3.76 5.40
C ILE A 46 -9.40 2.44 5.50
N THR A 47 -10.11 1.38 5.83
CA THR A 47 -9.60 0.02 5.81
C THR A 47 -10.24 -0.75 4.67
N PHE A 48 -9.42 -1.56 3.98
CA PHE A 48 -9.87 -2.27 2.80
C PHE A 48 -9.28 -3.68 2.76
N GLU A 49 -9.86 -4.52 1.91
CA GLU A 49 -9.45 -5.93 1.89
CA GLU A 49 -9.56 -5.95 1.90
C GLU A 49 -9.42 -6.52 0.49
N SER A 50 -9.51 -5.71 -0.55
CA SER A 50 -9.49 -6.24 -1.88
C SER A 50 -8.68 -5.34 -2.78
N VAL A 51 -8.22 -5.91 -3.89
CA VAL A 51 -7.54 -5.13 -4.91
C VAL A 51 -8.45 -4.05 -5.47
N GLU A 52 -9.70 -4.42 -5.74
CA GLU A 52 -10.64 -3.46 -6.30
C GLU A 52 -10.84 -2.27 -5.36
N GLU A 53 -11.00 -2.53 -4.06
CA GLU A 53 -11.16 -1.45 -3.09
CA GLU A 53 -11.18 -1.42 -3.15
C GLU A 53 -9.94 -0.54 -3.09
N PHE A 54 -8.74 -1.14 -3.13
CA PHE A 54 -7.54 -0.30 -3.16
C PHE A 54 -7.65 0.73 -4.26
N TRP A 55 -8.04 0.27 -5.46
CA TRP A 55 -8.08 1.18 -6.61
C TRP A 55 -9.18 2.22 -6.49
N GLY A 56 -10.33 1.85 -5.89
CA GLY A 56 -11.34 2.86 -5.66
C GLY A 56 -10.85 3.94 -4.72
N ILE A 57 -10.05 3.57 -3.71
CA ILE A 57 -9.42 4.55 -2.83
C ILE A 57 -8.39 5.37 -3.60
N TYR A 58 -7.42 4.70 -4.24
CA TYR A 58 -6.32 5.41 -4.88
C TYR A 58 -6.84 6.40 -5.93
N ASN A 59 -7.84 5.99 -6.70
CA ASN A 59 -8.41 6.84 -7.74
C ASN A 59 -9.26 7.99 -7.21
N ASN A 60 -9.44 8.08 -5.90
CA ASN A 60 -10.31 9.11 -5.32
C ASN A 60 -9.64 9.81 -4.15
N ILE A 61 -8.31 9.83 -4.09
CA ILE A 61 -7.57 10.59 -3.10
C ILE A 61 -6.44 11.32 -3.82
N ALA A 62 -5.93 12.36 -3.15
CA ALA A 62 -4.89 13.18 -3.74
C ALA A 62 -3.62 12.37 -3.96
N PRO A 63 -2.99 12.46 -5.13
CA PRO A 63 -1.65 11.88 -5.28
C PRO A 63 -0.63 12.64 -4.44
N VAL A 64 0.51 11.98 -4.20
CA VAL A 64 1.57 12.55 -3.37
C VAL A 64 1.95 13.93 -3.85
N SER A 65 2.03 14.10 -5.17
CA SER A 65 2.49 15.34 -5.77
C SER A 65 1.53 16.50 -5.53
N GLU A 66 0.34 16.23 -4.99
CA GLU A 66 -0.63 17.28 -4.71
C GLU A 66 -0.72 17.59 -3.22
N LEU A 67 0.04 16.90 -2.39
CA LEU A 67 -0.01 17.15 -0.95
C LEU A 67 0.78 18.39 -0.56
N ALA A 68 0.28 19.04 0.49
CA ALA A 68 1.02 20.10 1.14
C ALA A 68 2.27 19.58 1.82
N VAL A 69 3.27 20.45 1.98
CA VAL A 69 4.44 20.07 2.75
C VAL A 69 4.04 19.70 4.17
N LYS A 70 4.79 18.75 4.73
CA LYS A 70 4.52 18.20 6.06
C LYS A 70 3.22 17.40 6.08
N SER A 71 2.97 16.68 5.01
CA SER A 71 1.92 15.67 4.95
C SER A 71 2.59 14.32 4.77
N ASP A 72 1.87 13.28 5.16
CA ASP A 72 2.31 11.90 4.98
C ASP A 72 1.12 11.02 4.59
N TYR A 73 1.39 9.97 3.80
CA TYR A 73 0.50 8.84 3.70
C TYR A 73 1.16 7.62 4.34
N HIS A 74 0.35 6.81 4.98
CA HIS A 74 0.82 5.59 5.62
C HIS A 74 -0.14 4.46 5.26
N LEU A 75 0.39 3.36 4.78
CA LEU A 75 -0.44 2.21 4.44
C LEU A 75 0.05 1.05 5.31
N PHE A 76 -0.75 0.70 6.34
CA PHE A 76 -0.32 -0.26 7.37
C PHE A 76 -1.32 -1.39 7.51
N LYS A 77 -0.78 -2.54 7.87
CA LYS A 77 -1.64 -3.70 8.11
C LYS A 77 -2.66 -3.35 9.19
N GLU A 78 -3.86 -3.90 9.04
CA GLU A 78 -4.93 -3.57 9.97
C GLU A 78 -4.50 -3.92 11.37
N GLY A 79 -4.78 -3.01 12.31
CA GLY A 79 -4.46 -3.20 13.71
C GLY A 79 -3.15 -2.56 14.13
N VAL A 80 -2.34 -2.07 13.19
CA VAL A 80 -1.06 -1.45 13.50
C VAL A 80 -1.21 0.05 13.24
N ARG A 81 -1.12 0.87 14.28
CA ARG A 81 -1.08 2.29 14.06
C ARG A 81 0.30 2.67 13.53
N PRO A 82 0.40 3.67 12.62
CA PRO A 82 1.68 3.99 11.98
C PRO A 82 2.52 4.91 12.84
N GLU A 83 2.73 4.50 14.09
CA GLU A 83 3.45 5.26 15.08
C GLU A 83 4.43 4.31 15.74
N TRP A 84 5.61 4.82 16.06
CA TRP A 84 6.60 3.95 16.69
C TRP A 84 6.11 3.35 18.00
N GLU A 85 5.21 4.02 18.71
CA GLU A 85 4.78 3.53 20.02
C GLU A 85 3.80 2.37 19.92
N ASP A 86 3.25 2.07 18.75
CA ASP A 86 2.40 0.89 18.61
C ASP A 86 3.20 -0.34 19.06
N PRO A 87 2.63 -1.25 19.85
CA PRO A 87 3.42 -2.39 20.32
C PRO A 87 4.06 -3.19 19.18
N GLN A 88 3.47 -3.16 18.00
CA GLN A 88 4.03 -3.90 16.86
C GLN A 88 5.11 -3.13 16.11
N ASN A 89 5.34 -1.85 16.43
CA ASN A 89 6.44 -1.08 15.83
C ASN A 89 7.55 -0.74 16.82
N LYS A 90 7.29 -0.83 18.12
CA LYS A 90 8.18 -0.25 19.12
C LYS A 90 9.60 -0.80 19.05
N HIS A 91 9.75 -2.08 18.71
CA HIS A 91 11.06 -2.72 18.63
C HIS A 91 11.51 -2.92 17.20
N GLY A 92 10.86 -2.26 16.26
CA GLY A 92 11.15 -2.41 14.86
C GLY A 92 11.90 -1.23 14.29
N GLY A 93 11.80 -1.08 12.97
CA GLY A 93 12.57 -0.07 12.28
C GLY A 93 12.03 0.14 10.89
N LYS A 94 12.85 0.69 10.02
CA LYS A 94 12.40 0.95 8.67
C LYS A 94 13.57 0.95 7.69
N TRP A 95 13.28 0.51 6.47
CA TRP A 95 14.12 0.80 5.33
C TRP A 95 13.57 2.05 4.69
N ALA A 96 14.42 3.02 4.37
CA ALA A 96 13.92 4.26 3.82
C ALA A 96 14.89 4.83 2.80
N TYR A 97 14.33 5.60 1.88
CA TYR A 97 15.10 6.32 0.90
C TYR A 97 14.57 7.73 0.77
N GLN A 98 15.47 8.71 0.81
CA GLN A 98 15.10 10.11 0.66
CA GLN A 98 15.11 10.11 0.67
C GLN A 98 15.43 10.54 -0.76
N PHE A 99 14.42 11.07 -1.45
CA PHE A 99 14.60 11.60 -2.80
C PHE A 99 14.97 13.06 -2.60
N LYS A 100 16.27 13.35 -2.78
CA LYS A 100 16.83 14.64 -2.42
C LYS A 100 16.27 15.79 -3.24
N ASP A 101 15.67 15.48 -4.39
CA ASP A 101 15.05 16.49 -5.23
C ASP A 101 13.60 16.09 -5.44
N LYS A 102 12.68 17.02 -5.15
CA LYS A 102 11.27 16.72 -5.28
C LYS A 102 10.78 16.77 -6.73
N ARG A 103 11.56 17.36 -7.63
CA ARG A 103 11.09 17.59 -8.99
C ARG A 103 11.58 16.54 -9.98
N SER A 104 12.71 15.89 -9.71
CA SER A 104 13.29 14.91 -10.63
C SER A 104 12.72 13.51 -10.46
N VAL A 105 11.56 13.38 -9.83
CA VAL A 105 11.07 12.07 -9.38
C VAL A 105 9.59 11.97 -9.68
N ASN A 106 9.19 10.93 -10.43
CA ASN A 106 7.77 10.57 -10.58
C ASN A 106 7.31 9.97 -9.26
N ILE A 107 7.15 10.83 -8.28
CA ILE A 107 6.91 10.38 -6.91
C ILE A 107 5.59 9.65 -6.80
N ASP A 108 4.58 10.06 -7.58
CA ASP A 108 3.28 9.39 -7.49
C ASP A 108 3.39 7.93 -7.90
N GLU A 109 4.09 7.68 -9.00
CA GLU A 109 4.23 6.30 -9.45
C GLU A 109 5.09 5.50 -8.49
N LEU A 110 6.16 6.08 -7.94
CA LEU A 110 7.00 5.34 -7.01
C LEU A 110 6.22 4.97 -5.76
N TRP A 111 5.42 5.90 -5.24
CA TRP A 111 4.60 5.59 -4.07
C TRP A 111 3.52 4.57 -4.40
N LEU A 112 2.84 4.74 -5.54
CA LEU A 112 1.86 3.74 -5.95
C LEU A 112 2.50 2.35 -6.01
N HIS A 113 3.67 2.24 -6.65
CA HIS A 113 4.28 0.93 -6.78
C HIS A 113 4.71 0.38 -5.44
N THR A 114 5.10 1.25 -4.52
CA THR A 114 5.44 0.81 -3.16
C THR A 114 4.21 0.22 -2.48
N MET A 115 3.06 0.90 -2.59
CA MET A 115 1.83 0.34 -2.02
C MET A 115 1.43 -0.96 -2.70
N LEU A 116 1.58 -1.04 -4.02
CA LEU A 116 1.21 -2.27 -4.73
C LEU A 116 2.13 -3.43 -4.36
N ALA A 117 3.42 -3.17 -4.15
CA ALA A 117 4.33 -4.20 -3.67
C ALA A 117 3.92 -4.66 -2.28
N ALA A 118 3.50 -3.73 -1.42
CA ALA A 118 3.05 -4.09 -0.08
C ALA A 118 1.80 -4.96 -0.12
N ILE A 119 0.72 -4.47 -0.73
CA ILE A 119 -0.55 -5.21 -0.69
C ILE A 119 -0.48 -6.45 -1.53
N GLY A 120 0.34 -6.46 -2.57
CA GLY A 120 0.53 -7.64 -3.39
C GLY A 120 1.50 -8.66 -2.83
N GLU A 121 2.09 -8.36 -1.68
CA GLU A 121 2.96 -9.27 -0.95
C GLU A 121 4.20 -9.62 -1.75
N THR A 122 4.79 -8.65 -2.44
CA THR A 122 6.07 -8.87 -3.10
C THR A 122 7.24 -8.15 -2.45
N LEU A 123 7.07 -7.58 -1.25
CA LEU A 123 8.20 -7.04 -0.51
C LEU A 123 8.93 -8.11 0.29
N GLU A 124 8.19 -9.08 0.85
CA GLU A 124 8.75 -10.10 1.74
C GLU A 124 8.12 -11.45 1.43
N ASP A 125 8.74 -12.51 1.94
CA ASP A 125 8.25 -13.86 1.70
C ASP A 125 7.22 -14.29 2.76
N GLU A 126 6.50 -15.35 2.45
CA GLU A 126 5.51 -15.90 3.37
C GLU A 126 6.18 -16.15 4.71
N GLU A 127 5.50 -15.77 5.79
CA GLU A 127 5.97 -16.02 7.15
C GLU A 127 7.25 -15.26 7.51
N ASP A 128 7.78 -14.40 6.62
CA ASP A 128 8.82 -13.47 7.07
C ASP A 128 8.30 -12.66 8.24
N GLY A 129 7.03 -12.26 8.16
CA GLY A 129 6.40 -11.59 9.27
C GLY A 129 7.09 -10.31 9.65
N GLU A 130 7.64 -9.58 8.68
CA GLU A 130 8.36 -8.35 8.96
C GLU A 130 7.66 -7.09 8.52
N VAL A 131 7.04 -7.04 7.34
CA VAL A 131 6.46 -5.77 6.87
C VAL A 131 5.24 -5.40 7.69
N MET A 132 5.28 -4.22 8.30
CA MET A 132 4.14 -3.68 9.01
CA MET A 132 4.15 -3.67 9.02
C MET A 132 3.39 -2.63 8.20
N GLY A 133 4.08 -1.87 7.39
CA GLY A 133 3.44 -0.82 6.64
C GLY A 133 4.46 -0.14 5.77
N VAL A 134 3.97 0.75 4.89
CA VAL A 134 4.79 1.60 4.06
C VAL A 134 4.36 3.06 4.25
N VAL A 135 5.27 3.98 4.00
CA VAL A 135 4.99 5.38 4.28
CA VAL A 135 5.03 5.39 4.32
C VAL A 135 5.69 6.25 3.26
N VAL A 136 5.04 7.35 2.90
CA VAL A 136 5.64 8.42 2.13
C VAL A 136 5.51 9.72 2.92
N ASN A 137 6.61 10.45 3.04
CA ASN A 137 6.67 11.74 3.72
C ASN A 137 6.92 12.81 2.70
N VAL A 138 6.13 13.88 2.74
CA VAL A 138 6.36 15.08 1.93
C VAL A 138 6.94 16.13 2.84
N ARG A 139 8.16 16.56 2.55
CA ARG A 139 8.85 17.56 3.33
C ARG A 139 9.29 18.70 2.41
N LYS A 140 9.78 19.77 3.02
CA LYS A 140 10.11 20.96 2.22
C LYS A 140 11.19 20.65 1.19
N GLY A 141 12.25 19.99 1.62
CA GLY A 141 13.35 19.73 0.71
C GLY A 141 13.36 18.36 0.06
N PHE A 142 12.44 17.47 0.40
CA PHE A 142 12.59 16.09 -0.05
C PHE A 142 11.29 15.33 0.15
N TYR A 143 11.17 14.23 -0.61
CA TYR A 143 10.27 13.13 -0.30
C TYR A 143 11.06 11.99 0.33
N ARG A 144 10.37 11.18 1.13
CA ARG A 144 10.96 9.97 1.67
C ARG A 144 9.93 8.86 1.53
N ILE A 145 10.39 7.69 1.14
CA ILE A 145 9.56 6.49 1.11
C ILE A 145 10.23 5.45 1.97
N GLY A 146 9.44 4.77 2.80
CA GLY A 146 9.96 3.75 3.69
C GLY A 146 9.04 2.56 3.86
N VAL A 147 9.66 1.46 4.29
CA VAL A 147 8.96 0.24 4.67
C VAL A 147 9.27 0.00 6.15
N TRP A 148 8.23 -0.01 6.99
CA TRP A 148 8.38 -0.25 8.41
C TRP A 148 8.36 -1.75 8.67
N THR A 149 9.29 -2.21 9.52
CA THR A 149 9.45 -3.61 9.85
C THR A 149 9.20 -3.87 11.34
N ARG A 150 8.88 -5.12 11.64
CA ARG A 150 8.53 -5.51 12.99
C ARG A 150 9.74 -5.60 13.91
N THR A 151 10.89 -5.98 13.37
CA THR A 151 12.05 -6.17 14.20
C THR A 151 13.25 -5.46 13.56
N THR A 152 14.35 -5.46 14.30
CA THR A 152 15.62 -4.97 13.79
C THR A 152 16.65 -6.09 13.65
N GLU A 153 16.22 -7.34 13.68
CA GLU A 153 17.15 -8.46 13.61
C GLU A 153 17.86 -8.47 12.26
N LYS A 156 20.43 -10.00 9.42
CA LYS A 156 19.44 -11.03 9.12
C LYS A 156 18.97 -10.93 7.67
N GLU A 157 18.93 -12.08 6.99
CA GLU A 157 18.71 -12.10 5.54
C GLU A 157 17.31 -11.62 5.17
N ILE A 158 16.32 -11.88 6.02
CA ILE A 158 14.96 -11.48 5.71
C ILE A 158 14.87 -9.97 5.57
N LEU A 159 15.52 -9.23 6.48
CA LEU A 159 15.47 -7.78 6.42
C LEU A 159 16.25 -7.23 5.22
N MET A 160 17.43 -7.77 4.94
CA MET A 160 18.22 -7.25 3.82
C MET A 160 17.49 -7.43 2.49
N ASN A 161 16.81 -8.56 2.31
CA ASN A 161 16.08 -8.77 1.07
C ASN A 161 14.92 -7.80 0.92
N ILE A 162 14.26 -7.45 2.04
CA ILE A 162 13.22 -6.44 1.96
C ILE A 162 13.81 -5.13 1.47
N GLY A 163 14.97 -4.74 2.00
CA GLY A 163 15.59 -3.51 1.53
C GLY A 163 15.90 -3.56 0.05
N ARG A 164 16.45 -4.68 -0.42
CA ARG A 164 16.76 -4.78 -1.84
C ARG A 164 15.50 -4.74 -2.69
N ARG A 165 14.41 -5.33 -2.22
CA ARG A 165 13.16 -5.27 -2.98
C ARG A 165 12.62 -3.85 -3.06
N LEU A 166 12.69 -3.10 -1.96
CA LEU A 166 12.29 -1.70 -2.02
C LEU A 166 13.14 -0.94 -3.02
N LYS A 167 14.47 -1.14 -3.00
CA LYS A 167 15.35 -0.46 -3.94
C LYS A 167 14.92 -0.75 -5.36
N GLU A 168 14.52 -2.00 -5.65
CA GLU A 168 14.05 -2.38 -6.97
C GLU A 168 12.73 -1.69 -7.33
N VAL A 169 11.79 -1.69 -6.39
CA VAL A 169 10.50 -1.07 -6.65
C VAL A 169 10.66 0.41 -6.95
N LEU A 170 11.59 1.07 -6.27
CA LEU A 170 11.86 2.49 -6.47
C LEU A 170 12.72 2.77 -7.67
N LYS A 171 13.14 1.72 -8.38
CA LYS A 171 13.89 1.85 -9.62
C LYS A 171 15.23 2.55 -9.43
N LEU A 172 15.82 2.39 -8.25
CA LEU A 172 17.03 3.15 -7.95
C LEU A 172 18.25 2.51 -8.62
N PRO A 173 19.20 3.31 -9.07
CA PRO A 173 20.46 2.75 -9.58
C PRO A 173 21.34 2.26 -8.45
N PRO A 174 22.40 1.50 -8.76
CA PRO A 174 23.19 0.88 -7.68
C PRO A 174 23.77 1.85 -6.66
N ASN A 175 24.18 3.05 -7.07
CA ASN A 175 24.85 3.97 -6.16
CA ASN A 175 24.85 3.97 -6.16
C ASN A 175 23.90 4.51 -5.10
N GLU A 176 22.60 4.46 -5.33
CA GLU A 176 21.63 5.03 -4.42
C GLU A 176 21.25 4.00 -3.38
N MET A 177 21.44 4.34 -2.10
CA MET A 177 21.35 3.35 -1.05
C MET A 177 20.08 3.56 -0.25
N VAL A 178 19.43 2.49 0.00
CA VAL A 178 18.33 2.44 0.94
C VAL A 178 18.91 2.03 2.28
N GLU A 179 18.46 2.68 3.35
CA GLU A 179 19.10 2.57 4.66
C GLU A 179 18.10 2.07 5.69
N PHE A 180 18.56 1.16 6.53
CA PHE A 180 17.75 0.65 7.62
C PHE A 180 18.11 1.36 8.91
N SER A 181 17.09 1.67 9.70
CA SER A 181 17.28 2.32 11.00
C SER A 181 16.19 1.85 11.95
N GLY A 182 16.56 1.67 13.22
CA GLY A 182 15.55 1.41 14.23
C GLY A 182 14.76 2.66 14.58
N HIS A 183 13.53 2.47 15.07
CA HIS A 183 12.70 3.62 15.39
C HIS A 183 13.19 4.33 16.64
N THR A 184 13.57 3.56 17.64
CA THR A 184 13.99 4.13 18.91
C THR A 184 15.51 4.25 18.94
N GLU A 185 15.97 5.15 19.80
CA GLU A 185 17.40 5.32 19.95
C GLU A 185 18.03 4.05 20.48
N ALA A 186 17.37 3.40 21.44
CA ALA A 186 17.90 2.15 21.97
C ALA A 186 17.93 1.08 20.88
N ALA A 187 16.83 0.93 20.14
CA ALA A 187 16.80 -0.02 19.04
C ALA A 187 17.95 0.23 18.06
N GLN A 188 18.12 1.50 17.64
CA GLN A 188 19.20 1.82 16.70
C GLN A 188 20.57 1.68 17.35
N ALA A 189 20.69 1.99 18.64
CA ALA A 189 21.96 1.87 19.33
C ALA A 189 22.44 0.42 19.36
N GLY A 190 21.51 -0.51 19.58
CA GLY A 190 21.85 -1.92 19.59
C GLY A 190 21.96 -2.49 18.19
N ARG A 197 26.38 0.30 9.82
CA ARG A 197 25.46 0.81 8.81
C ARG A 197 24.89 -0.34 7.98
N MET A 198 23.56 -0.40 7.89
CA MET A 198 22.84 -1.44 7.17
C MET A 198 22.21 -0.77 5.95
N VAL A 199 22.79 -0.99 4.78
CA VAL A 199 22.38 -0.32 3.56
C VAL A 199 22.43 -1.32 2.42
N VAL A 200 21.58 -1.09 1.43
CA VAL A 200 21.57 -1.89 0.22
C VAL A 200 21.43 -1.00 -0.98
N GLN B 5 -26.19 7.70 -3.17
CA GLN B 5 -26.55 6.31 -3.48
C GLN B 5 -25.37 5.58 -4.10
N PRO B 6 -25.08 4.37 -3.61
CA PRO B 6 -23.87 3.68 -4.08
C PRO B 6 -23.88 3.43 -5.58
N SER B 7 -22.73 3.62 -6.20
CA SER B 7 -22.56 3.33 -7.61
C SER B 7 -22.80 1.84 -7.88
N ALA B 8 -23.07 1.52 -9.14
CA ALA B 8 -23.25 0.12 -9.50
C ALA B 8 -21.99 -0.68 -9.19
N ALA B 9 -20.82 -0.09 -9.47
CA ALA B 9 -19.57 -0.78 -9.20
C ALA B 9 -19.38 -1.04 -7.71
N LEU B 10 -19.75 -0.09 -6.87
CA LEU B 10 -19.61 -0.29 -5.43
C LEU B 10 -20.63 -1.29 -4.92
N GLN B 11 -21.87 -1.24 -5.44
CA GLN B 11 -22.85 -2.28 -5.12
C GLN B 11 -22.29 -3.66 -5.44
N SER B 12 -21.71 -3.81 -6.62
CA SER B 12 -21.11 -5.08 -7.01
C SER B 12 -20.01 -5.48 -6.05
N LEU B 13 -19.12 -4.53 -5.73
CA LEU B 13 -18.01 -4.82 -4.83
C LEU B 13 -18.52 -5.32 -3.48
N ARG B 14 -19.53 -4.65 -2.94
CA ARG B 14 -20.03 -5.01 -1.61
C ARG B 14 -20.66 -6.41 -1.61
N SER B 15 -21.26 -6.81 -2.72
CA SER B 15 -21.97 -8.08 -2.80
C SER B 15 -21.11 -9.20 -3.38
N ALA B 16 -19.95 -8.88 -3.93
CA ALA B 16 -19.13 -9.87 -4.59
C ALA B 16 -18.50 -10.82 -3.57
N ARG B 17 -18.19 -12.02 -4.04
CA ARG B 17 -17.46 -13.00 -3.24
C ARG B 17 -15.97 -12.87 -3.48
N PHE B 18 -15.18 -13.08 -2.44
CA PHE B 18 -13.74 -13.14 -2.66
C PHE B 18 -13.39 -14.37 -3.47
N LEU B 19 -12.51 -14.18 -4.45
CA LEU B 19 -11.82 -15.31 -5.04
C LEU B 19 -11.09 -16.06 -3.93
N PRO B 20 -10.90 -17.38 -4.08
CA PRO B 20 -10.35 -18.20 -2.99
C PRO B 20 -8.85 -18.07 -2.81
N GLY B 21 -8.20 -17.30 -3.66
CA GLY B 21 -6.75 -17.16 -3.71
C GLY B 21 -6.39 -16.71 -5.11
N ILE B 22 -5.15 -16.98 -5.51
CA ILE B 22 -4.72 -16.66 -6.86
C ILE B 22 -5.33 -17.68 -7.81
N VAL B 23 -5.96 -17.20 -8.88
CA VAL B 23 -6.52 -18.06 -9.90
CA VAL B 23 -6.59 -18.02 -9.91
C VAL B 23 -5.99 -17.65 -11.26
N GLN B 24 -5.81 -18.65 -12.12
CA GLN B 24 -5.14 -18.43 -13.40
C GLN B 24 -6.07 -18.37 -14.60
N ASP B 25 -7.28 -18.90 -14.50
CA ASP B 25 -8.04 -19.29 -15.69
C ASP B 25 -9.38 -18.57 -15.82
N ILE B 26 -9.52 -17.38 -15.25
CA ILE B 26 -10.81 -16.71 -15.20
C ILE B 26 -10.83 -15.36 -15.91
N TYR B 27 -9.74 -14.95 -16.53
CA TYR B 27 -9.69 -13.59 -17.04
C TYR B 27 -10.07 -13.53 -18.51
N PRO B 28 -10.70 -12.44 -18.96
CA PRO B 28 -11.06 -12.32 -20.37
C PRO B 28 -9.85 -12.04 -21.24
N PRO B 29 -10.01 -12.16 -22.55
CA PRO B 29 -8.91 -11.87 -23.46
C PRO B 29 -8.27 -10.52 -23.21
N GLY B 30 -6.93 -10.49 -23.31
CA GLY B 30 -6.18 -9.27 -23.09
C GLY B 30 -5.78 -8.98 -21.66
N ILE B 31 -6.33 -9.71 -20.68
CA ILE B 31 -6.04 -9.49 -19.27
C ILE B 31 -5.13 -10.61 -18.80
N LYS B 32 -4.04 -10.25 -18.17
CA LYS B 32 -3.12 -11.24 -17.62
CA LYS B 32 -3.11 -11.22 -17.61
C LYS B 32 -3.57 -11.66 -16.23
N SER B 33 -3.27 -12.91 -15.88
CA SER B 33 -3.48 -13.41 -14.53
C SER B 33 -2.31 -13.02 -13.65
N PRO B 34 -2.41 -13.18 -12.33
CA PRO B 34 -1.23 -12.97 -11.48
C PRO B 34 -0.18 -14.01 -11.80
N ASN B 35 1.08 -13.62 -11.73
CA ASN B 35 2.18 -14.51 -12.06
C ASN B 35 2.13 -15.79 -11.24
N PRO B 36 1.90 -16.96 -11.84
CA PRO B 36 1.80 -18.20 -11.05
C PRO B 36 3.11 -18.56 -10.37
N ALA B 37 4.24 -18.11 -10.88
CA ALA B 37 5.52 -18.49 -10.30
C ALA B 37 5.72 -17.87 -8.92
N LEU B 38 5.16 -16.69 -8.68
CA LEU B 38 5.27 -16.08 -7.36
C LEU B 38 4.54 -16.88 -6.32
N ASN B 39 3.48 -17.56 -6.74
CA ASN B 39 2.61 -18.28 -5.82
C ASN B 39 2.92 -19.76 -5.72
N GLU B 40 3.70 -20.31 -6.65
CA GLU B 40 4.09 -21.71 -6.61
C GLU B 40 4.65 -22.10 -5.24
N ALA B 41 5.48 -21.22 -4.65
CA ALA B 41 6.18 -21.53 -3.41
C ALA B 41 5.36 -21.26 -2.16
N VAL B 42 4.25 -20.54 -2.26
CA VAL B 42 3.42 -20.26 -1.09
C VAL B 42 2.82 -21.56 -0.57
N GLN B 43 2.85 -21.73 0.75
CA GLN B 43 2.26 -22.91 1.38
C GLN B 43 0.78 -22.71 1.70
N LYS B 44 0.44 -21.57 2.31
CA LYS B 44 -0.96 -21.32 2.71
C LYS B 44 -1.63 -20.57 1.57
N LYS B 45 -1.98 -21.32 0.52
CA LYS B 45 -2.53 -20.70 -0.68
C LYS B 45 -3.93 -20.15 -0.48
N GLY B 46 -4.60 -20.52 0.61
CA GLY B 46 -5.87 -19.94 0.94
C GLY B 46 -5.78 -18.71 1.81
N ARG B 47 -4.56 -18.26 2.14
CA ARG B 47 -4.37 -17.13 3.04
C ARG B 47 -3.42 -16.08 2.51
N ILE B 48 -2.42 -16.49 1.73
CA ILE B 48 -1.37 -15.59 1.26
C ILE B 48 -1.43 -15.53 -0.26
N PHE B 49 -1.60 -14.33 -0.82
CA PHE B 49 -1.92 -14.14 -2.23
C PHE B 49 -0.90 -13.17 -2.82
N LYS B 50 -0.03 -13.66 -3.69
CA LYS B 50 1.04 -12.82 -4.25
C LYS B 50 0.61 -12.31 -5.63
N TYR B 51 0.55 -10.99 -5.77
CA TYR B 51 0.14 -10.36 -7.01
C TYR B 51 1.29 -9.49 -7.50
N ASP B 52 1.77 -9.76 -8.70
CA ASP B 52 2.78 -8.90 -9.28
C ASP B 52 2.20 -7.52 -9.58
N VAL B 53 3.09 -6.52 -9.62
CA VAL B 53 2.63 -5.16 -9.83
C VAL B 53 1.97 -5.01 -11.20
N GLN B 54 2.48 -5.67 -12.23
CA GLN B 54 1.84 -5.55 -13.55
C GLN B 54 0.40 -6.00 -13.52
N PHE B 55 0.11 -7.10 -12.84
CA PHE B 55 -1.25 -7.58 -12.69
C PHE B 55 -2.11 -6.53 -12.03
N LEU B 56 -1.62 -5.99 -10.92
CA LEU B 56 -2.40 -5.03 -10.14
C LEU B 56 -2.66 -3.74 -10.92
N LEU B 57 -1.73 -3.32 -11.77
CA LEU B 57 -1.92 -2.08 -12.51
C LEU B 57 -3.06 -2.19 -13.52
N GLN B 58 -3.43 -3.39 -13.93
CA GLN B 58 -4.54 -3.56 -14.86
C GLN B 58 -5.84 -2.97 -14.33
N PHE B 59 -5.97 -2.85 -13.02
CA PHE B 59 -7.21 -2.39 -12.43
C PHE B 59 -7.31 -0.87 -12.44
N GLN B 60 -6.23 -0.15 -12.72
CA GLN B 60 -6.18 1.29 -12.43
C GLN B 60 -7.27 2.06 -13.13
N ASN B 61 -7.58 1.73 -14.38
CA ASN B 61 -8.60 2.45 -15.12
C ASN B 61 -9.92 1.71 -15.14
N VAL B 62 -10.05 0.65 -14.34
CA VAL B 62 -11.17 -0.26 -14.35
C VAL B 62 -12.05 -0.09 -13.12
N PHE B 63 -11.47 -0.01 -11.94
CA PHE B 63 -12.26 0.32 -10.75
C PHE B 63 -11.89 1.72 -10.32
N THR B 64 -12.71 2.69 -10.69
CA THR B 64 -12.42 4.09 -10.44
C THR B 64 -13.46 4.75 -9.54
N GLU B 65 -14.49 4.02 -9.14
CA GLU B 65 -15.52 4.63 -8.33
C GLU B 65 -15.10 4.73 -6.87
N LYS B 66 -15.81 5.57 -6.13
CA LYS B 66 -15.47 5.83 -4.75
C LYS B 66 -15.79 4.60 -3.90
N PRO B 67 -15.00 4.37 -2.85
CA PRO B 67 -15.23 3.20 -1.99
C PRO B 67 -16.40 3.37 -1.02
N SER B 68 -16.96 4.56 -0.91
CA SER B 68 -18.18 4.80 -0.14
C SER B 68 -18.91 5.96 -0.80
N PRO B 69 -20.23 6.06 -0.61
CA PRO B 69 -20.96 7.13 -1.31
C PRO B 69 -20.55 8.54 -0.92
N ASP B 70 -20.18 8.77 0.34
CA ASP B 70 -19.84 10.10 0.82
C ASP B 70 -18.34 10.29 0.98
N PHE B 71 -17.54 9.47 0.28
CA PHE B 71 -16.12 9.39 0.55
C PHE B 71 -15.45 10.75 0.44
N ASP B 72 -15.80 11.54 -0.56
CA ASP B 72 -15.09 12.79 -0.79
C ASP B 72 -15.32 13.76 0.37
N GLN B 73 -16.58 13.91 0.78
CA GLN B 73 -16.91 14.77 1.91
C GLN B 73 -16.31 14.22 3.20
N GLN B 74 -16.29 12.89 3.36
CA GLN B 74 -15.74 12.28 4.55
C GLN B 74 -14.26 12.61 4.70
N VAL B 75 -13.49 12.45 3.62
CA VAL B 75 -12.07 12.75 3.65
C VAL B 75 -11.85 14.23 3.93
N LYS B 76 -12.62 15.10 3.27
CA LYS B 76 -12.44 16.53 3.48
C LYS B 76 -12.63 16.90 4.95
N ALA B 77 -13.68 16.37 5.58
CA ALA B 77 -13.95 16.70 6.98
C ALA B 77 -12.92 16.11 7.91
N LEU B 78 -12.38 14.94 7.56
CA LEU B 78 -11.34 14.33 8.35
C LEU B 78 -10.07 15.19 8.37
N ILE B 79 -9.75 15.83 7.24
CA ILE B 79 -8.45 16.45 7.04
C ILE B 79 -8.48 17.96 7.20
N GLY B 80 -9.59 18.59 6.82
CA GLY B 80 -9.63 20.05 6.75
C GLY B 80 -9.46 20.69 8.12
N ASP B 81 -8.86 21.87 8.12
CA ASP B 81 -8.68 22.65 9.33
C ASP B 81 -10.03 23.06 9.90
#